data_8GZ6
#
_entry.id   8GZ6
#
_cell.length_a   39.758
_cell.length_b   32.113
_cell.length_c   84.566
_cell.angle_alpha   90.000
_cell.angle_beta   93.960
_cell.angle_gamma   90.000
#
_symmetry.space_group_name_H-M   'P 1 21 1'
#
loop_
_entity.id
_entity.type
_entity.pdbx_description
1 polymer 'Nanobody P17'
2 non-polymer 'CHLORIDE ION'
3 non-polymer 1,2-ETHANEDIOL
4 water water
#
_entity_poly.entity_id   1
_entity_poly.type   'polypeptide(L)'
_entity_poly.pdbx_seq_one_letter_code
;QVQLQESGGGLVQAGGSLRLSCAASGRTSSVYNMAWFRQTPGKEREFVAAITGNGGTTLYADSVKGRLTISRGNAKNTVS
LQMNVLKPDDTAVYYCAAGGWGKERNYAYWGQGTQVTVSSHHHHHH
;
_entity_poly.pdbx_strand_id   A,B
#
loop_
_chem_comp.id
_chem_comp.type
_chem_comp.name
_chem_comp.formula
CL non-polymer 'CHLORIDE ION' 'Cl -1'
EDO non-polymer 1,2-ETHANEDIOL 'C2 H6 O2'
#
# COMPACT_ATOMS: atom_id res chain seq x y z
N VAL A 2 -19.42 -16.13 4.40
CA VAL A 2 -18.26 -15.25 4.52
C VAL A 2 -17.44 -15.62 5.76
N GLN A 3 -16.13 -15.76 5.58
CA GLN A 3 -15.21 -16.03 6.68
C GLN A 3 -14.08 -15.01 6.64
N LEU A 4 -13.50 -14.73 7.81
CA LEU A 4 -12.45 -13.73 7.95
C LEU A 4 -11.19 -14.38 8.45
N GLN A 5 -10.06 -14.08 7.84
CA GLN A 5 -8.78 -14.67 8.24
C GLN A 5 -7.81 -13.55 8.58
N GLU A 6 -7.17 -13.65 9.74
CA GLU A 6 -6.27 -12.64 10.28
C GLU A 6 -4.83 -13.12 10.15
N SER A 7 -3.94 -12.16 10.15
CA SER A 7 -2.49 -12.41 10.20
C SER A 7 -1.79 -11.19 10.78
N GLY A 8 -0.51 -11.36 11.09
CA GLY A 8 0.39 -10.28 11.49
C GLY A 8 0.59 -10.14 12.99
N GLY A 9 -0.01 -11.01 13.78
CA GLY A 9 0.22 -10.93 15.21
C GLY A 9 1.58 -11.48 15.59
N GLY A 10 1.82 -11.47 16.88
CA GLY A 10 3.08 -11.99 17.35
C GLY A 10 3.51 -11.33 18.65
N LEU A 11 4.75 -11.62 19.00
CA LEU A 11 5.41 -11.09 20.20
C LEU A 11 6.36 -9.98 19.80
N VAL A 12 6.22 -8.82 20.42
CA VAL A 12 7.03 -7.68 20.05
C VAL A 12 7.40 -6.88 21.30
N GLN A 13 8.52 -6.18 21.22
CA GLN A 13 8.92 -5.38 22.35
C GLN A 13 8.11 -4.09 22.47
N ALA A 14 7.95 -3.64 23.71
CA ALA A 14 7.32 -2.34 23.94
C ALA A 14 8.03 -1.26 23.13
N GLY A 15 7.23 -0.35 22.58
CA GLY A 15 7.72 0.65 21.65
C GLY A 15 7.74 0.17 20.22
N GLY A 16 7.61 -1.13 19.99
CA GLY A 16 7.65 -1.67 18.65
C GLY A 16 6.32 -1.52 17.94
N SER A 17 6.24 -2.13 16.76
N SER A 17 6.24 -2.15 16.78
CA SER A 17 5.10 -1.98 15.87
CA SER A 17 5.11 -1.99 15.88
C SER A 17 4.73 -3.32 15.27
C SER A 17 4.72 -3.35 15.32
N LEU A 18 3.44 -3.48 14.97
CA LEU A 18 2.96 -4.65 14.25
C LEU A 18 1.90 -4.15 13.27
N ARG A 19 1.71 -4.91 12.20
CA ARG A 19 0.63 -4.62 11.26
C ARG A 19 -0.28 -5.83 11.16
N LEU A 20 -1.50 -5.74 11.68
CA LEU A 20 -2.45 -6.84 11.54
C LEU A 20 -3.15 -6.71 10.20
N SER A 21 -3.48 -7.86 9.60
N SER A 21 -3.46 -7.85 9.59
CA SER A 21 -4.19 -7.86 8.33
CA SER A 21 -4.18 -7.87 8.33
C SER A 21 -5.36 -8.83 8.45
C SER A 21 -5.36 -8.83 8.45
N CYS A 22 -6.42 -8.53 7.72
CA CYS A 22 -7.60 -9.39 7.69
C CYS A 22 -8.17 -9.38 6.29
N ALA A 23 -8.62 -10.54 5.85
CA ALA A 23 -9.19 -10.69 4.51
C ALA A 23 -10.39 -11.63 4.59
N ALA A 24 -11.46 -11.23 3.91
CA ALA A 24 -12.61 -12.09 3.78
C ALA A 24 -12.36 -13.15 2.73
N SER A 25 -12.86 -14.35 2.99
CA SER A 25 -12.90 -15.42 2.00
C SER A 25 -14.36 -15.82 1.79
N GLY A 26 -14.59 -16.55 0.70
CA GLY A 26 -15.94 -16.87 0.28
C GLY A 26 -16.56 -15.77 -0.55
N ARG A 27 -17.65 -16.11 -1.24
CA ARG A 27 -18.30 -15.11 -2.10
C ARG A 27 -18.99 -14.09 -1.23
N THR A 28 -18.52 -12.84 -1.30
CA THR A 28 -19.19 -11.75 -0.61
C THR A 28 -20.04 -11.00 -1.63
N SER A 29 -21.22 -10.60 -1.19
CA SER A 29 -22.17 -9.93 -2.06
C SER A 29 -22.17 -8.42 -1.86
N SER A 30 -21.26 -7.92 -1.02
CA SER A 30 -21.14 -6.51 -0.67
C SER A 30 -19.70 -6.18 -0.38
N VAL A 31 -19.40 -4.89 -0.39
CA VAL A 31 -18.20 -4.37 0.22
C VAL A 31 -18.61 -3.98 1.64
N TYR A 32 -18.01 -4.61 2.63
CA TYR A 32 -18.40 -4.44 4.01
C TYR A 32 -17.55 -3.42 4.75
N ASN A 33 -18.15 -2.77 5.74
CA ASN A 33 -17.38 -2.10 6.77
C ASN A 33 -16.60 -3.18 7.53
N MET A 34 -15.37 -2.85 7.97
CA MET A 34 -14.60 -3.83 8.70
C MET A 34 -14.03 -3.18 9.95
N ALA A 35 -13.78 -4.03 10.95
CA ALA A 35 -13.41 -3.54 12.26
C ALA A 35 -12.43 -4.49 12.93
N TRP A 36 -11.79 -3.97 13.98
CA TRP A 36 -10.96 -4.77 14.87
C TRP A 36 -11.46 -4.60 16.30
N PHE A 37 -11.46 -5.72 17.03
CA PHE A 37 -11.79 -5.75 18.45
C PHE A 37 -10.64 -6.47 19.12
N ARG A 38 -10.57 -6.37 20.46
CA ARG A 38 -9.53 -7.08 21.18
C ARG A 38 -10.05 -7.56 22.52
N GLN A 39 -9.49 -8.65 23.00
CA GLN A 39 -9.98 -9.34 24.18
C GLN A 39 -8.79 -9.82 25.02
N THR A 40 -8.85 -9.52 26.34
CA THR A 40 -7.87 -10.09 27.24
C THR A 40 -8.55 -11.15 28.08
N PRO A 41 -7.79 -12.02 28.75
CA PRO A 41 -8.41 -13.18 29.40
C PRO A 41 -9.44 -12.81 30.45
N GLY A 42 -10.59 -13.48 30.39
CA GLY A 42 -11.70 -13.27 31.30
C GLY A 42 -12.51 -12.01 31.06
N LYS A 43 -12.21 -11.24 30.03
CA LYS A 43 -12.93 -10.02 29.70
C LYS A 43 -13.58 -10.16 28.31
N GLU A 44 -14.32 -9.13 27.92
CA GLU A 44 -15.07 -9.20 26.68
C GLU A 44 -14.25 -8.66 25.50
N ARG A 45 -14.68 -9.01 24.29
CA ARG A 45 -14.14 -8.35 23.09
C ARG A 45 -14.56 -6.88 23.11
N GLU A 46 -13.59 -5.99 23.01
CA GLU A 46 -13.83 -4.55 23.06
C GLU A 46 -13.39 -3.89 21.75
N PHE A 47 -14.14 -2.89 21.33
CA PHE A 47 -13.86 -2.21 20.06
C PHE A 47 -12.51 -1.53 20.07
N VAL A 48 -11.82 -1.62 18.92
CA VAL A 48 -10.55 -0.92 18.73
C VAL A 48 -10.67 0.11 17.61
N ALA A 49 -11.08 -0.32 16.40
CA ALA A 49 -11.19 0.59 15.27
C ALA A 49 -12.07 -0.02 14.20
N ALA A 50 -12.62 0.85 13.35
CA ALA A 50 -13.45 0.41 12.23
C ALA A 50 -13.30 1.39 11.07
N ILE A 51 -13.56 0.88 9.86
CA ILE A 51 -13.49 1.69 8.66
C ILE A 51 -14.64 1.28 7.72
N THR A 52 -15.25 2.27 7.08
CA THR A 52 -16.37 1.97 6.21
C THR A 52 -15.90 1.33 4.90
N GLY A 53 -16.85 0.67 4.24
CA GLY A 53 -16.58 0.01 2.98
C GLY A 53 -15.76 0.84 2.01
N ASN A 54 -16.12 2.12 1.82
CA ASN A 54 -15.41 2.94 0.83
C ASN A 54 -14.15 3.59 1.38
N GLY A 55 -13.78 3.31 2.62
CA GLY A 55 -12.59 3.84 3.21
C GLY A 55 -12.71 5.27 3.69
N GLY A 56 -13.89 5.90 3.55
CA GLY A 56 -14.00 7.31 3.77
C GLY A 56 -14.19 7.74 5.22
N THR A 57 -14.56 6.80 6.10
CA THR A 57 -14.90 7.10 7.49
C THR A 57 -14.25 6.08 8.38
N THR A 58 -13.66 6.55 9.47
CA THR A 58 -13.06 5.68 10.48
C THR A 58 -13.64 6.02 11.85
N LEU A 59 -13.52 5.05 12.75
CA LEU A 59 -13.96 5.20 14.12
C LEU A 59 -12.91 4.51 14.97
N TYR A 60 -12.46 5.16 16.05
CA TYR A 60 -11.40 4.61 16.91
C TYR A 60 -11.82 4.68 18.36
N ALA A 61 -11.45 3.65 19.13
CA ALA A 61 -11.47 3.79 20.58
C ALA A 61 -10.47 4.88 21.00
N ASP A 62 -10.78 5.57 22.09
CA ASP A 62 -9.90 6.67 22.53
C ASP A 62 -8.50 6.18 22.90
N SER A 63 -8.40 5.01 23.53
CA SER A 63 -7.14 4.49 24.03
C SER A 63 -6.11 4.17 22.94
N VAL A 64 -6.50 4.16 21.66
CA VAL A 64 -5.57 3.84 20.59
C VAL A 64 -5.40 4.97 19.61
N LYS A 65 -6.10 6.08 19.81
CA LYS A 65 -5.98 7.21 18.90
C LYS A 65 -4.56 7.73 18.83
N GLY A 66 -4.09 8.00 17.61
CA GLY A 66 -2.72 8.44 17.41
C GLY A 66 -1.67 7.35 17.51
N ARG A 67 -2.08 6.12 17.77
CA ARG A 67 -1.13 5.01 17.80
C ARG A 67 -1.49 3.93 16.80
N LEU A 68 -2.77 3.65 16.64
CA LEU A 68 -3.24 2.64 15.72
C LEU A 68 -3.93 3.33 14.56
N THR A 69 -3.76 2.79 13.36
CA THR A 69 -4.41 3.36 12.18
C THR A 69 -5.01 2.21 11.39
N ILE A 70 -6.30 2.33 11.06
CA ILE A 70 -6.99 1.31 10.27
C ILE A 70 -7.09 1.76 8.83
N SER A 71 -6.94 0.83 7.90
CA SER A 71 -7.01 1.16 6.48
C SER A 71 -7.53 -0.03 5.70
N ARG A 72 -8.08 0.24 4.52
CA ARG A 72 -8.49 -0.84 3.63
C ARG A 72 -7.29 -1.29 2.83
N GLY A 73 -7.28 -2.59 2.52
CA GLY A 73 -6.30 -3.14 1.61
C GLY A 73 -6.75 -3.05 0.16
N ASN A 74 -5.88 -3.54 -0.74
CA ASN A 74 -6.19 -3.43 -2.17
C ASN A 74 -7.30 -4.41 -2.57
N ALA A 75 -7.31 -5.59 -1.98
CA ALA A 75 -8.31 -6.55 -2.38
C ALA A 75 -9.65 -6.24 -1.73
N LYS A 76 -10.70 -6.76 -2.33
CA LYS A 76 -12.04 -6.55 -1.78
C LYS A 76 -12.14 -7.15 -0.38
N ASN A 77 -12.69 -6.36 0.54
CA ASN A 77 -12.91 -6.77 1.93
C ASN A 77 -11.64 -7.22 2.62
N THR A 78 -10.62 -6.37 2.51
CA THR A 78 -9.39 -6.52 3.29
C THR A 78 -9.18 -5.25 4.11
N VAL A 79 -8.59 -5.43 5.30
CA VAL A 79 -8.37 -4.31 6.20
C VAL A 79 -7.05 -4.57 6.91
N SER A 80 -6.39 -3.48 7.30
N SER A 80 -6.34 -3.49 7.24
CA SER A 80 -5.15 -3.58 8.05
CA SER A 80 -5.12 -3.58 8.02
C SER A 80 -5.24 -2.69 9.27
C SER A 80 -5.21 -2.67 9.24
N LEU A 81 -4.53 -3.07 10.32
CA LEU A 81 -4.42 -2.28 11.53
C LEU A 81 -2.95 -2.06 11.80
N GLN A 82 -2.47 -0.85 11.54
CA GLN A 82 -1.07 -0.53 11.81
C GLN A 82 -0.99 -0.12 13.28
N MET A 83 -0.22 -0.88 14.06
CA MET A 83 -0.14 -0.67 15.49
C MET A 83 1.24 -0.16 15.87
N ASN A 84 1.32 1.09 16.25
CA ASN A 84 2.61 1.68 16.54
C ASN A 84 2.69 2.02 18.01
N VAL A 85 3.92 2.27 18.49
CA VAL A 85 4.13 2.72 19.86
C VAL A 85 3.46 1.77 20.83
N LEU A 86 3.69 0.48 20.63
CA LEU A 86 2.93 -0.51 21.38
C LEU A 86 3.34 -0.50 22.85
N LYS A 87 2.39 -0.80 23.72
CA LYS A 87 2.60 -0.86 25.17
C LYS A 87 2.18 -2.24 25.67
N PRO A 88 2.69 -2.67 26.83
CA PRO A 88 2.30 -3.98 27.37
C PRO A 88 0.79 -4.15 27.46
N ASP A 89 0.05 -3.08 27.79
CA ASP A 89 -1.41 -3.15 27.89
C ASP A 89 -2.10 -3.41 26.56
N ASP A 90 -1.40 -3.31 25.44
CA ASP A 90 -1.95 -3.68 24.15
C ASP A 90 -1.96 -5.18 23.92
N THR A 91 -1.35 -5.96 24.82
CA THR A 91 -1.41 -7.43 24.74
C THR A 91 -2.87 -7.90 24.79
N ALA A 92 -3.26 -8.70 23.79
CA ALA A 92 -4.64 -9.19 23.73
C ALA A 92 -4.71 -10.10 22.52
N VAL A 93 -5.84 -10.84 22.40
CA VAL A 93 -6.21 -11.46 21.13
C VAL A 93 -7.00 -10.41 20.34
N TYR A 94 -6.61 -10.20 19.08
CA TYR A 94 -7.24 -9.21 18.21
C TYR A 94 -8.09 -9.95 17.20
N TYR A 95 -9.34 -9.49 17.07
CA TYR A 95 -10.32 -10.11 16.18
C TYR A 95 -10.71 -9.14 15.10
N CYS A 96 -10.73 -9.60 13.86
CA CYS A 96 -11.34 -8.83 12.77
C CYS A 96 -12.83 -9.13 12.75
N ALA A 97 -13.61 -8.12 12.33
CA ALA A 97 -15.05 -8.27 12.20
C ALA A 97 -15.48 -7.54 10.94
N ALA A 98 -16.65 -7.92 10.40
CA ALA A 98 -17.16 -7.26 9.22
C ALA A 98 -18.68 -7.32 9.21
N GLY A 99 -19.30 -6.37 8.54
CA GLY A 99 -20.74 -6.38 8.38
C GLY A 99 -21.41 -5.75 9.58
N GLY A 100 -21.33 -4.43 9.67
CA GLY A 100 -21.83 -3.73 10.83
C GLY A 100 -21.22 -2.35 10.89
N TRP A 101 -21.52 -1.66 11.98
CA TRP A 101 -20.91 -0.37 12.24
C TRP A 101 -21.05 -0.07 13.72
N GLY A 102 -20.22 0.79 14.22
CA GLY A 102 -20.31 1.12 15.64
C GLY A 102 -19.41 0.25 16.49
N LYS A 103 -19.56 0.41 17.80
CA LYS A 103 -18.64 -0.18 18.76
C LYS A 103 -19.19 -1.43 19.45
N GLU A 104 -20.45 -1.80 19.19
CA GLU A 104 -20.95 -3.01 19.82
C GLU A 104 -20.57 -4.24 18.99
N ARG A 105 -20.83 -5.42 19.57
CA ARG A 105 -20.39 -6.68 18.99
C ARG A 105 -21.39 -7.23 17.98
N ASN A 106 -22.33 -6.40 17.50
CA ASN A 106 -23.32 -6.81 16.50
C ASN A 106 -22.77 -6.66 15.09
N TYR A 107 -21.63 -7.27 14.84
CA TYR A 107 -21.12 -7.41 13.46
C TYR A 107 -21.41 -8.84 12.99
N ALA A 108 -21.69 -8.99 11.70
CA ALA A 108 -22.18 -10.26 11.17
C ALA A 108 -21.11 -11.32 11.09
N TYR A 109 -19.85 -10.93 10.87
CA TYR A 109 -18.77 -11.86 10.61
C TYR A 109 -17.58 -11.55 11.50
N TRP A 110 -16.96 -12.62 12.02
CA TRP A 110 -15.84 -12.51 12.95
C TRP A 110 -14.74 -13.48 12.58
N GLY A 111 -13.51 -13.01 12.67
CA GLY A 111 -12.35 -13.88 12.54
C GLY A 111 -12.17 -14.64 13.83
N GLN A 112 -11.21 -15.53 13.85
CA GLN A 112 -10.99 -16.39 15.00
C GLN A 112 -9.88 -15.88 15.90
N GLY A 113 -9.27 -14.75 15.58
CA GLY A 113 -8.37 -14.08 16.52
C GLY A 113 -6.90 -14.34 16.25
N THR A 114 -6.08 -13.34 16.57
CA THR A 114 -4.63 -13.48 16.48
C THR A 114 -4.04 -12.82 17.73
N GLN A 115 -3.09 -13.52 18.37
CA GLN A 115 -2.55 -13.03 19.63
C GLN A 115 -1.49 -11.99 19.37
N VAL A 116 -1.56 -10.88 20.11
CA VAL A 116 -0.50 -9.88 20.11
C VAL A 116 0.01 -9.84 21.54
N THR A 117 1.33 -9.94 21.72
CA THR A 117 1.93 -9.80 23.04
C THR A 117 3.01 -8.74 22.96
N VAL A 118 2.91 -7.74 23.84
CA VAL A 118 3.90 -6.67 23.92
C VAL A 118 4.60 -6.81 25.24
N SER A 119 5.94 -6.97 25.19
CA SER A 119 6.74 -7.20 26.38
C SER A 119 7.77 -6.10 26.54
N SER A 120 8.00 -5.68 27.78
CA SER A 120 9.21 -4.90 28.01
C SER A 120 10.46 -5.74 27.70
N HIS A 121 11.53 -5.07 27.29
CA HIS A 121 12.77 -5.76 26.95
C HIS A 121 13.99 -5.07 27.57
N GLN B 1 25.96 14.50 -14.72
CA GLN B 1 24.99 15.33 -15.42
C GLN B 1 24.15 14.53 -16.43
N VAL B 2 23.06 13.94 -15.96
CA VAL B 2 22.18 13.09 -16.75
C VAL B 2 20.75 13.61 -16.62
N GLN B 3 20.07 13.74 -17.75
CA GLN B 3 18.69 14.18 -17.80
C GLN B 3 17.80 13.02 -18.21
N LEU B 4 16.58 12.99 -17.67
CA LEU B 4 15.62 11.94 -17.93
C LEU B 4 14.37 12.55 -18.53
N GLN B 5 13.97 12.03 -19.69
CA GLN B 5 12.82 12.53 -20.43
C GLN B 5 11.71 11.50 -20.38
N GLU B 6 10.54 11.87 -19.86
CA GLU B 6 9.38 10.98 -19.73
C GLU B 6 8.39 11.26 -20.84
N SER B 7 7.58 10.26 -21.16
CA SER B 7 6.41 10.47 -22.01
C SER B 7 5.43 9.32 -21.79
N GLY B 8 4.24 9.45 -22.39
CA GLY B 8 3.27 8.35 -22.35
C GLY B 8 2.14 8.46 -21.34
N GLY B 9 2.07 9.54 -20.55
CA GLY B 9 1.01 9.75 -19.58
C GLY B 9 -0.25 10.39 -20.14
N GLY B 10 -1.04 10.94 -19.24
CA GLY B 10 -2.23 11.69 -19.62
C GLY B 10 -3.47 11.17 -18.93
N LEU B 11 -4.63 11.55 -19.48
CA LEU B 11 -5.93 11.22 -18.91
C LEU B 11 -6.43 9.93 -19.54
N VAL B 12 -6.87 8.98 -18.71
CA VAL B 12 -7.28 7.66 -19.20
C VAL B 12 -8.45 7.17 -18.36
N GLN B 13 -9.26 6.31 -18.96
CA GLN B 13 -10.41 5.80 -18.21
C GLN B 13 -10.02 4.62 -17.33
N ALA B 14 -10.70 4.52 -16.19
CA ALA B 14 -10.53 3.38 -15.29
C ALA B 14 -10.70 2.07 -16.06
N GLY B 15 -9.87 1.08 -15.73
CA GLY B 15 -9.79 -0.14 -16.50
C GLY B 15 -8.87 -0.09 -17.70
N GLY B 16 -8.47 1.10 -18.15
CA GLY B 16 -7.64 1.24 -19.32
C GLY B 16 -6.17 1.03 -19.00
N SER B 17 -5.33 1.36 -19.96
CA SER B 17 -3.90 1.15 -19.76
C SER B 17 -3.13 2.34 -20.32
N LEU B 18 -1.89 2.50 -19.83
CA LEU B 18 -0.96 3.48 -20.35
C LEU B 18 0.41 2.81 -20.36
N ARG B 19 1.28 3.27 -21.24
CA ARG B 19 2.66 2.83 -21.21
C ARG B 19 3.57 4.04 -21.09
N LEU B 20 4.16 4.21 -19.92
CA LEU B 20 5.08 5.32 -19.72
C LEU B 20 6.47 4.94 -20.21
N SER B 21 7.21 5.92 -20.71
CA SER B 21 8.55 5.67 -21.18
C SER B 21 9.47 6.75 -20.65
N CYS B 22 10.77 6.41 -20.54
CA CYS B 22 11.77 7.35 -20.04
C CYS B 22 13.08 7.04 -20.72
N ALA B 23 13.80 8.09 -21.13
CA ALA B 23 15.10 7.96 -21.78
C ALA B 23 16.10 8.89 -21.14
N ALA B 24 17.30 8.36 -20.84
CA ALA B 24 18.38 9.13 -20.26
C ALA B 24 19.20 9.75 -21.37
N SER B 25 19.67 10.97 -21.14
CA SER B 25 20.61 11.63 -22.03
C SER B 25 21.69 12.24 -21.17
N GLY B 26 22.91 12.24 -21.67
CA GLY B 26 23.96 12.72 -20.81
C GLY B 26 25.33 12.47 -21.37
N ARG B 27 26.16 11.74 -20.64
N ARG B 27 26.14 11.72 -20.65
CA ARG B 27 27.56 11.72 -21.00
CA ARG B 27 27.58 11.77 -20.88
C ARG B 27 28.25 10.36 -21.06
C ARG B 27 28.27 10.41 -21.01
N THR B 28 27.93 9.44 -20.15
CA THR B 28 28.83 8.30 -19.90
C THR B 28 28.43 6.98 -20.53
N SER B 29 29.32 6.01 -20.29
CA SER B 29 29.13 4.61 -20.60
C SER B 29 28.27 3.92 -19.57
N SER B 30 28.03 4.55 -18.40
CA SER B 30 27.33 3.82 -17.35
C SER B 30 25.97 3.36 -17.85
N VAL B 31 25.66 2.11 -17.61
CA VAL B 31 24.31 1.59 -17.75
C VAL B 31 23.68 1.70 -16.36
N TYR B 32 22.56 2.40 -16.26
CA TYR B 32 21.92 2.68 -14.98
C TYR B 32 20.76 1.74 -14.68
N ASN B 33 20.61 1.40 -13.40
CA ASN B 33 19.31 0.92 -12.93
C ASN B 33 18.34 2.09 -13.07
N MET B 34 17.08 1.77 -13.39
CA MET B 34 16.07 2.83 -13.59
C MET B 34 14.81 2.46 -12.83
N ALA B 35 14.07 3.50 -12.42
CA ALA B 35 12.92 3.32 -11.53
C ALA B 35 11.84 4.31 -11.88
N TRP B 36 10.66 4.02 -11.34
CA TRP B 36 9.52 4.93 -11.39
C TRP B 36 9.02 5.17 -9.98
N PHE B 37 8.67 6.42 -9.71
CA PHE B 37 8.07 6.85 -8.46
C PHE B 37 6.80 7.59 -8.83
N ARG B 38 5.92 7.82 -7.87
CA ARG B 38 4.71 8.59 -8.10
C ARG B 38 4.40 9.48 -6.91
N GLN B 39 3.70 10.58 -7.20
CA GLN B 39 3.41 11.58 -6.18
C GLN B 39 2.02 12.14 -6.36
N THR B 40 1.28 12.21 -5.26
CA THR B 40 -0.03 12.89 -5.23
C THR B 40 0.10 14.18 -4.42
N PRO B 41 -0.83 15.13 -4.60
CA PRO B 41 -0.62 16.47 -4.03
C PRO B 41 -0.47 16.43 -2.53
N GLY B 42 0.56 17.12 -2.05
CA GLY B 42 0.83 17.21 -0.64
C GLY B 42 1.52 15.99 -0.04
N LYS B 43 1.81 14.96 -0.81
CA LYS B 43 2.47 13.79 -0.29
C LYS B 43 3.83 13.68 -0.97
N GLU B 44 4.63 12.71 -0.54
CA GLU B 44 5.99 12.52 -1.05
C GLU B 44 5.98 11.63 -2.29
N ARG B 45 7.08 11.71 -3.05
N ARG B 45 7.08 11.70 -3.04
CA ARG B 45 7.33 10.76 -4.15
CA ARG B 45 7.32 10.73 -4.11
C ARG B 45 7.53 9.36 -3.54
C ARG B 45 7.47 9.36 -3.47
N GLU B 46 6.74 8.38 -3.99
CA GLU B 46 6.77 7.02 -3.46
C GLU B 46 7.15 6.01 -4.53
N PHE B 47 7.94 5.01 -4.13
CA PHE B 47 8.44 4.04 -5.08
C PHE B 47 7.31 3.26 -5.74
N VAL B 48 7.45 3.01 -7.05
CA VAL B 48 6.52 2.15 -7.79
C VAL B 48 7.21 0.89 -8.31
N ALA B 49 8.34 1.04 -9.00
CA ALA B 49 9.01 -0.10 -9.62
C ALA B 49 10.42 0.28 -10.03
N ALA B 50 11.29 -0.72 -10.12
CA ALA B 50 12.66 -0.47 -10.57
C ALA B 50 13.18 -1.71 -11.29
N ILE B 51 14.18 -1.51 -12.15
CA ILE B 51 14.78 -2.59 -12.91
C ILE B 51 16.28 -2.32 -13.01
N THR B 52 17.07 -3.37 -12.86
CA THR B 52 18.52 -3.23 -12.97
C THR B 52 18.92 -2.97 -14.41
N GLY B 53 20.15 -2.49 -14.51
CA GLY B 53 20.73 -2.15 -15.82
C GLY B 53 20.63 -3.25 -16.85
N ASN B 54 20.89 -4.52 -16.46
CA ASN B 54 20.84 -5.62 -17.41
C ASN B 54 19.46 -6.23 -17.58
N GLY B 55 18.46 -5.68 -16.90
CA GLY B 55 17.09 -6.14 -16.98
C GLY B 55 16.79 -7.38 -16.19
N GLY B 56 17.77 -7.94 -15.49
CA GLY B 56 17.57 -9.25 -14.90
C GLY B 56 16.91 -9.25 -13.53
N THR B 57 16.71 -8.09 -12.90
CA THR B 57 16.13 -8.00 -11.58
C THR B 57 15.16 -6.85 -11.54
N THR B 58 13.98 -7.09 -10.99
CA THR B 58 12.99 -6.05 -10.77
C THR B 58 12.58 -5.96 -9.31
N LEU B 59 12.01 -4.82 -8.95
CA LEU B 59 11.55 -4.53 -7.60
C LEU B 59 10.24 -3.78 -7.79
N TYR B 60 9.19 -4.16 -7.07
CA TYR B 60 7.88 -3.53 -7.21
C TYR B 60 7.30 -3.19 -5.83
N ALA B 61 6.60 -2.06 -5.75
CA ALA B 61 5.76 -1.80 -4.60
C ALA B 61 4.61 -2.81 -4.57
N ASP B 62 4.12 -3.14 -3.37
CA ASP B 62 3.08 -4.17 -3.30
C ASP B 62 1.78 -3.75 -3.99
N SER B 63 1.44 -2.47 -3.97
CA SER B 63 0.16 -1.98 -4.48
C SER B 63 0.04 -2.04 -6.00
N VAL B 64 1.12 -2.30 -6.73
CA VAL B 64 1.07 -2.35 -8.18
C VAL B 64 1.45 -3.72 -8.73
N LYS B 65 1.88 -4.64 -7.90
CA LYS B 65 2.33 -5.96 -8.35
C LYS B 65 1.26 -6.65 -9.20
N GLY B 66 1.68 -7.21 -10.33
CA GLY B 66 0.74 -7.71 -11.31
C GLY B 66 0.34 -6.70 -12.36
N ARG B 67 -0.24 -5.56 -11.94
CA ARG B 67 -0.85 -4.64 -12.89
C ARG B 67 0.18 -3.81 -13.65
N LEU B 68 1.28 -3.47 -13.00
CA LEU B 68 2.30 -2.63 -13.59
C LEU B 68 3.51 -3.51 -13.88
N THR B 69 4.15 -3.30 -15.02
CA THR B 69 5.32 -4.09 -15.38
C THR B 69 6.39 -3.13 -15.86
N ILE B 70 7.60 -3.23 -15.30
CA ILE B 70 8.72 -2.39 -15.75
C ILE B 70 9.61 -3.22 -16.67
N SER B 71 10.15 -2.60 -17.71
CA SER B 71 11.06 -3.31 -18.62
C SER B 71 12.04 -2.31 -19.21
N ARG B 72 13.18 -2.82 -19.68
CA ARG B 72 14.15 -1.95 -20.35
C ARG B 72 13.67 -1.73 -21.78
N GLY B 73 13.84 -0.52 -22.29
CA GLY B 73 13.65 -0.25 -23.70
C GLY B 73 14.87 -0.62 -24.54
N ASN B 74 14.75 -0.36 -25.85
CA ASN B 74 15.78 -0.82 -26.78
C ASN B 74 17.10 -0.06 -26.63
N ALA B 75 17.05 1.28 -26.58
CA ALA B 75 18.27 2.08 -26.49
C ALA B 75 18.83 2.03 -25.07
N LYS B 76 20.13 2.32 -24.97
CA LYS B 76 20.81 2.34 -23.68
C LYS B 76 20.10 3.32 -22.75
N ASN B 77 19.87 2.86 -21.53
CA ASN B 77 19.28 3.71 -20.48
C ASN B 77 17.87 4.23 -20.83
N THR B 78 17.04 3.32 -21.33
CA THR B 78 15.61 3.60 -21.51
C THR B 78 14.80 2.58 -20.72
N VAL B 79 13.62 3.00 -20.25
CA VAL B 79 12.76 2.12 -19.46
C VAL B 79 11.29 2.42 -19.79
N SER B 80 10.46 1.40 -19.64
CA SER B 80 9.03 1.53 -19.83
C SER B 80 8.30 1.02 -18.60
N LEU B 81 7.13 1.59 -18.36
CA LEU B 81 6.25 1.13 -17.29
C LEU B 81 4.89 0.87 -17.94
N GLN B 82 4.54 -0.41 -18.10
CA GLN B 82 3.25 -0.77 -18.66
C GLN B 82 2.28 -0.81 -17.49
N MET B 83 1.28 0.08 -17.53
CA MET B 83 0.28 0.20 -16.47
C MET B 83 -1.06 -0.33 -16.97
N ASN B 84 -1.49 -1.44 -16.41
CA ASN B 84 -2.72 -2.07 -16.84
C ASN B 84 -3.75 -1.96 -15.73
N VAL B 85 -5.02 -2.12 -16.11
CA VAL B 85 -6.13 -2.21 -15.16
C VAL B 85 -6.08 -1.03 -14.21
N LEU B 86 -5.99 0.17 -14.78
CA LEU B 86 -5.78 1.37 -13.97
C LEU B 86 -7.03 1.67 -13.13
N LYS B 87 -6.79 2.25 -11.95
CA LYS B 87 -7.82 2.66 -11.02
C LYS B 87 -7.69 4.14 -10.74
N PRO B 88 -8.77 4.83 -10.36
CA PRO B 88 -8.67 6.25 -9.98
C PRO B 88 -7.55 6.52 -8.98
N ASP B 89 -7.26 5.61 -8.06
CA ASP B 89 -6.20 5.78 -7.08
CA ASP B 89 -6.20 5.87 -7.10
C ASP B 89 -4.78 5.72 -7.67
N ASP B 90 -4.65 5.38 -8.95
CA ASP B 90 -3.36 5.48 -9.62
C ASP B 90 -3.10 6.88 -10.14
N THR B 91 -4.05 7.82 -10.02
CA THR B 91 -3.82 9.20 -10.42
C THR B 91 -2.66 9.77 -9.61
N ALA B 92 -1.69 10.35 -10.31
CA ALA B 92 -0.47 10.85 -9.66
C ALA B 92 0.42 11.44 -10.75
N VAL B 93 1.42 12.20 -10.29
CA VAL B 93 2.54 12.53 -11.17
C VAL B 93 3.58 11.41 -11.04
N TYR B 94 3.95 10.84 -12.18
CA TYR B 94 4.92 9.74 -12.24
C TYR B 94 6.26 10.29 -12.67
N TYR B 95 7.30 9.90 -11.93
CA TYR B 95 8.67 10.37 -12.17
C TYR B 95 9.56 9.18 -12.47
N CYS B 96 10.37 9.30 -13.52
CA CYS B 96 11.44 8.35 -13.76
C CYS B 96 12.66 8.76 -12.93
N ALA B 97 13.40 7.75 -12.47
CA ALA B 97 14.65 8.00 -11.75
C ALA B 97 15.70 7.02 -12.24
N ALA B 98 16.99 7.37 -12.06
CA ALA B 98 18.09 6.51 -12.49
C ALA B 98 19.28 6.71 -11.57
N GLY B 99 20.09 5.67 -11.46
CA GLY B 99 21.34 5.77 -10.73
C GLY B 99 21.11 5.51 -9.25
N GLY B 100 20.94 4.25 -8.89
CA GLY B 100 20.57 3.89 -7.53
C GLY B 100 19.89 2.53 -7.54
N TRP B 101 19.44 2.14 -6.37
CA TRP B 101 18.69 0.89 -6.23
C TRP B 101 17.88 0.99 -4.95
N GLY B 102 16.81 0.23 -4.86
CA GLY B 102 15.98 0.24 -3.66
C GLY B 102 14.80 1.20 -3.80
N LYS B 103 14.14 1.44 -2.66
CA LYS B 103 12.84 2.12 -2.66
C LYS B 103 12.92 3.53 -2.10
N GLU B 104 14.08 3.98 -1.64
CA GLU B 104 14.20 5.35 -1.17
C GLU B 104 14.49 6.31 -2.32
N ARG B 105 14.46 7.60 -2.00
CA ARG B 105 14.58 8.64 -3.01
C ARG B 105 16.03 8.99 -3.33
N ASN B 106 16.98 8.15 -2.90
CA ASN B 106 18.42 8.38 -3.14
C ASN B 106 18.82 7.84 -4.51
N TYR B 107 18.13 8.24 -5.53
CA TYR B 107 18.57 8.00 -6.89
C TYR B 107 19.22 9.28 -7.41
N ALA B 108 20.23 9.12 -8.27
CA ALA B 108 21.02 10.30 -8.64
C ALA B 108 20.31 11.22 -9.60
N TYR B 109 19.45 10.69 -10.46
CA TYR B 109 18.85 11.46 -11.55
C TYR B 109 17.35 11.28 -11.58
N TRP B 110 16.64 12.36 -11.84
CA TRP B 110 15.18 12.39 -11.76
C TRP B 110 14.60 13.11 -12.96
N GLY B 111 13.57 12.52 -13.55
CA GLY B 111 12.82 13.25 -14.56
C GLY B 111 11.92 14.28 -13.91
N GLN B 112 11.29 15.11 -14.73
CA GLN B 112 10.46 16.20 -14.20
C GLN B 112 8.99 15.82 -14.04
N GLY B 113 8.64 14.60 -14.38
CA GLY B 113 7.31 14.08 -14.06
C GLY B 113 6.33 14.16 -15.20
N THR B 114 5.40 13.19 -15.23
CA THR B 114 4.28 13.22 -16.15
C THR B 114 3.00 12.91 -15.40
N GLN B 115 1.97 13.73 -15.59
CA GLN B 115 0.72 13.52 -14.88
C GLN B 115 -0.09 12.38 -15.51
N VAL B 116 -0.55 11.46 -14.67
CA VAL B 116 -1.49 10.43 -15.06
C VAL B 116 -2.77 10.69 -14.27
N THR B 117 -3.91 10.75 -14.96
CA THR B 117 -5.20 10.85 -14.30
C THR B 117 -6.06 9.72 -14.80
N VAL B 118 -6.60 8.94 -13.87
CA VAL B 118 -7.51 7.85 -14.16
C VAL B 118 -8.89 8.22 -13.69
N SER B 119 -9.84 8.30 -14.63
CA SER B 119 -11.19 8.70 -14.31
C SER B 119 -12.17 7.58 -14.64
N SER B 120 -13.18 7.40 -13.78
CA SER B 120 -14.35 6.61 -14.18
C SER B 120 -15.01 7.25 -15.40
N HIS B 121 -15.63 6.43 -16.24
CA HIS B 121 -16.25 6.98 -17.44
C HIS B 121 -17.58 6.30 -17.77
N HIS B 122 -17.54 5.05 -18.19
CA HIS B 122 -18.79 4.34 -18.49
C HIS B 122 -19.55 3.91 -17.22
CL CL C . -21.19 -3.43 6.43
CL CL D . -17.09 -11.05 23.86
C1 EDO E . -10.28 -1.89 23.60
O1 EDO E . -9.56 -2.51 24.66
C2 EDO E . -9.65 -0.56 23.23
O2 EDO E . -9.29 0.14 24.44
CL CL F . 22.67 2.50 -11.21
CL CL G . 9.37 13.81 -2.45
#